data_5CLJ
#
_entry.id   5CLJ
#
_cell.length_a   98.683
_cell.length_b   98.683
_cell.length_c   165.590
_cell.angle_alpha   90.00
_cell.angle_beta   90.00
_cell.angle_gamma   90.00
#
_symmetry.space_group_name_H-M   'I 4 2 2'
#
loop_
_entity.id
_entity.type
_entity.pdbx_description
1 polymer 'N5-carboxyaminoimidazole ribonucleotide mutase'
2 non-polymer '5-AMINOIMIDAZOLE RIBONUCLEOTIDE'
3 non-polymer 'CARBON DIOXIDE'
4 non-polymer 'CITRIC ACID'
5 non-polymer 1,2-ETHANEDIOL
6 water water
#
_entity_poly.entity_id   1
_entity_poly.type   'polypeptide(L)'
_entity_poly.pdbx_seq_one_letter_code
;MMSETAPLPSASSALEDKAASAPVVGIIMGSQSDWETMRHADALLTELEIPHETLIVSANRTPDRLADYARTAAERGLNV
IIAGAGGAAHLPGMCAAWTRLPVLGVPVESRALKGMDSLLSIVQMPGGVPVGTLAIGASGAKNAALLAASILALYNPALA
ARLETWRALQTASVPNSPITEDK
;
_entity_poly.pdbx_strand_id   A,B
#
loop_
_chem_comp.id
_chem_comp.type
_chem_comp.name
_chem_comp.formula
AIR non-polymer '5-AMINOIMIDAZOLE RIBONUCLEOTIDE' 'C8 H14 N3 O7 P'
CIT non-polymer 'CITRIC ACID' 'C6 H8 O7'
CO2 non-polymer 'CARBON DIOXIDE' 'C O2'
EDO non-polymer 1,2-ETHANEDIOL 'C2 H6 O2'
#
# COMPACT_ATOMS: atom_id res chain seq x y z
N SER A 21 15.95 16.74 -11.74
CA SER A 21 14.50 16.86 -11.85
C SER A 21 13.84 16.86 -10.47
N ALA A 22 12.64 17.43 -10.40
CA ALA A 22 11.91 17.57 -9.14
C ALA A 22 11.41 16.23 -8.60
N PRO A 23 11.53 16.01 -7.29
CA PRO A 23 11.16 14.73 -6.69
C PRO A 23 9.66 14.41 -6.85
N VAL A 24 9.35 13.16 -7.19
CA VAL A 24 7.95 12.75 -7.22
C VAL A 24 7.64 11.70 -6.16
N VAL A 25 8.68 11.25 -5.45
CA VAL A 25 8.49 10.42 -4.27
C VAL A 25 9.31 10.99 -3.11
N GLY A 26 8.75 10.97 -1.91
CA GLY A 26 9.51 11.35 -0.74
C GLY A 26 9.76 10.10 0.09
N ILE A 27 11.02 9.84 0.42
CA ILE A 27 11.35 8.81 1.42
C ILE A 27 11.67 9.53 2.71
N ILE A 28 10.89 9.24 3.75
CA ILE A 28 11.15 9.85 5.05
C ILE A 28 11.34 8.76 6.10
N MET A 29 12.22 9.00 7.06
CA MET A 29 12.49 7.98 8.06
C MET A 29 12.66 8.61 9.45
N GLY A 30 12.35 7.85 10.49
CA GLY A 30 12.33 8.36 11.86
C GLY A 30 13.69 8.82 12.38
N SER A 31 14.77 8.20 11.93
CA SER A 31 16.11 8.61 12.37
C SER A 31 17.16 7.99 11.50
N GLN A 32 18.40 8.43 11.71
CA GLN A 32 19.57 7.93 11.00
C GLN A 32 19.68 6.40 11.12
N SER A 33 19.27 5.85 12.26
CA SER A 33 19.40 4.41 12.47
C SER A 33 18.47 3.62 11.53
N ASP A 34 17.43 4.27 11.01
CA ASP A 34 16.57 3.66 9.99
C ASP A 34 17.22 3.58 8.60
N TRP A 35 18.33 4.30 8.39
CA TRP A 35 18.88 4.42 7.04
C TRP A 35 19.39 3.09 6.46
N GLU A 36 20.01 2.27 7.30
CA GLU A 36 20.47 0.96 6.86
C GLU A 36 19.34 0.15 6.19
N THR A 37 18.11 0.38 6.65
CA THR A 37 16.92 -0.25 6.06
C THR A 37 16.40 0.54 4.88
N MET A 38 16.23 1.84 5.08
CA MET A 38 15.54 2.67 4.10
C MET A 38 16.39 2.98 2.87
N ARG A 39 17.71 2.79 2.94
CA ARG A 39 18.55 2.98 1.76
C ARG A 39 18.12 2.06 0.61
N HIS A 40 17.53 0.91 0.94
CA HIS A 40 17.09 -0.02 -0.09
C HIS A 40 15.94 0.58 -0.89
N ALA A 41 15.11 1.42 -0.27
CA ALA A 41 14.08 2.13 -1.04
C ALA A 41 14.74 3.18 -1.93
N ASP A 42 15.70 3.90 -1.38
CA ASP A 42 16.45 4.90 -2.14
C ASP A 42 17.13 4.29 -3.35
N ALA A 43 17.82 3.17 -3.14
CA ALA A 43 18.57 2.54 -4.24
C ALA A 43 17.64 2.09 -5.35
N LEU A 44 16.49 1.55 -4.97
CA LEU A 44 15.53 1.03 -5.95
C LEU A 44 14.96 2.15 -6.83
N LEU A 45 14.51 3.24 -6.21
CA LEU A 45 13.97 4.37 -6.94
C LEU A 45 15.00 4.92 -7.91
N THR A 46 16.26 5.01 -7.46
CA THR A 46 17.34 5.50 -8.32
C THR A 46 17.54 4.55 -9.50
N GLU A 47 17.48 3.25 -9.24
CA GLU A 47 17.68 2.26 -10.30
C GLU A 47 16.63 2.43 -11.39
N LEU A 48 15.40 2.71 -10.98
CA LEU A 48 14.30 2.90 -11.93
C LEU A 48 14.21 4.35 -12.42
N GLU A 49 15.19 5.16 -12.06
CA GLU A 49 15.24 6.57 -12.45
C GLU A 49 13.98 7.35 -12.05
N ILE A 50 13.54 7.14 -10.82
CA ILE A 50 12.44 7.91 -10.27
C ILE A 50 12.98 9.02 -9.38
N PRO A 51 12.77 10.29 -9.78
CA PRO A 51 13.27 11.43 -9.02
C PRO A 51 12.65 11.43 -7.62
N HIS A 52 13.48 11.60 -6.59
CA HIS A 52 12.95 11.51 -5.23
C HIS A 52 13.83 12.27 -4.25
N GLU A 53 13.30 12.52 -3.06
CA GLU A 53 14.06 13.13 -1.97
C GLU A 53 14.12 12.13 -0.82
N THR A 54 15.16 12.21 -0.01
CA THR A 54 15.34 11.26 1.08
C THR A 54 15.66 12.01 2.36
N LEU A 55 14.80 11.89 3.36
CA LEU A 55 14.86 12.81 4.51
C LEU A 55 14.67 12.10 5.84
N ILE A 56 15.15 12.71 6.91
CA ILE A 56 14.82 12.24 8.24
C ILE A 56 13.71 13.14 8.80
N VAL A 57 12.63 12.52 9.25
CA VAL A 57 11.51 13.22 9.87
C VAL A 57 11.00 12.32 10.97
N SER A 58 10.91 12.87 12.19
CA SER A 58 10.42 12.09 13.35
C SER A 58 9.06 12.59 13.77
N ALA A 59 8.05 11.69 13.78
CA ALA A 59 6.73 12.09 14.24
C ALA A 59 6.81 12.61 15.68
N ASN A 60 7.57 11.92 16.52
CA ASN A 60 7.59 12.25 17.94
C ASN A 60 8.62 13.32 18.32
N ARG A 61 9.76 13.36 17.65
CA ARG A 61 10.79 14.33 17.99
C ARG A 61 10.70 15.61 17.17
N THR A 62 10.17 15.51 15.95
CA THR A 62 10.00 16.70 15.11
C THR A 62 8.58 16.78 14.54
N PRO A 63 7.56 16.87 15.41
CA PRO A 63 6.17 16.82 14.95
C PRO A 63 5.81 17.95 13.97
N ASP A 64 6.32 19.16 14.22
CA ASP A 64 5.99 20.28 13.32
C ASP A 64 6.64 20.09 11.96
N ARG A 65 7.85 19.54 11.96
CA ARG A 65 8.53 19.24 10.71
C ARG A 65 7.70 18.25 9.88
N LEU A 66 7.13 17.25 10.55
CA LEU A 66 6.28 16.28 9.86
C LEU A 66 5.00 16.90 9.33
N ALA A 67 4.32 17.69 10.18
CA ALA A 67 3.10 18.36 9.77
C ALA A 67 3.35 19.16 8.50
N ASP A 68 4.39 20.00 8.51
CA ASP A 68 4.70 20.83 7.36
CA ASP A 68 4.74 20.83 7.36
C ASP A 68 5.06 19.98 6.14
N TYR A 69 5.86 18.95 6.35
CA TYR A 69 6.28 18.10 5.25
C TYR A 69 5.08 17.46 4.57
N ALA A 70 4.19 16.88 5.37
CA ALA A 70 3.07 16.10 4.84
C ALA A 70 2.00 17.01 4.27
N ARG A 71 1.68 18.13 4.93
CA ARG A 71 0.61 18.94 4.38
CA ARG A 71 0.64 19.04 4.44
C ARG A 71 1.04 19.63 3.08
N THR A 72 2.33 19.93 2.91
CA THR A 72 2.79 20.54 1.67
C THR A 72 3.24 19.57 0.57
N ALA A 73 3.20 18.26 0.83
CA ALA A 73 3.80 17.30 -0.10
C ALA A 73 3.20 17.39 -1.50
N ALA A 74 1.88 17.37 -1.58
CA ALA A 74 1.19 17.40 -2.86
C ALA A 74 1.48 18.68 -3.64
N GLU A 75 1.43 19.81 -2.97
CA GLU A 75 1.66 21.07 -3.64
C GLU A 75 3.09 21.17 -4.16
N ARG A 76 3.99 20.51 -3.48
CA ARG A 76 5.39 20.43 -3.91
C ARG A 76 5.59 19.48 -5.08
N GLY A 77 4.55 18.73 -5.43
CA GLY A 77 4.63 17.84 -6.58
C GLY A 77 4.89 16.37 -6.25
N LEU A 78 5.00 16.02 -4.97
CA LEU A 78 5.18 14.62 -4.60
C LEU A 78 3.91 13.85 -4.97
N ASN A 79 4.09 12.59 -5.36
CA ASN A 79 2.96 11.75 -5.74
C ASN A 79 2.73 10.65 -4.70
N VAL A 80 3.85 10.15 -4.15
CA VAL A 80 3.84 9.06 -3.16
C VAL A 80 4.84 9.37 -2.05
N ILE A 81 4.50 9.03 -0.82
CA ILE A 81 5.45 9.14 0.28
C ILE A 81 5.72 7.75 0.86
N ILE A 82 6.99 7.44 1.03
CA ILE A 82 7.44 6.20 1.67
C ILE A 82 7.96 6.57 3.04
N ALA A 83 7.37 6.01 4.09
CA ALA A 83 7.79 6.34 5.44
C ALA A 83 8.22 5.11 6.21
N GLY A 84 9.43 5.16 6.78
CA GLY A 84 9.94 4.06 7.59
C GLY A 84 10.26 4.47 9.01
N ALA A 85 9.94 3.61 9.96
CA ALA A 85 10.29 3.86 11.36
C ALA A 85 10.25 2.58 12.17
N GLY A 86 10.97 2.58 13.29
CA GLY A 86 11.00 1.46 14.21
C GLY A 86 10.29 1.78 15.52
N GLY A 87 10.18 0.78 16.39
CA GLY A 87 9.54 0.97 17.68
C GLY A 87 8.07 1.24 17.49
N ALA A 88 7.51 2.09 18.35
N ALA A 88 7.52 2.18 18.25
CA ALA A 88 6.14 2.56 18.14
CA ALA A 88 6.12 2.58 18.10
C ALA A 88 6.20 3.57 17.00
C ALA A 88 5.80 3.15 16.71
N ALA A 89 6.17 3.04 15.78
N ALA A 89 6.81 3.66 16.01
CA ALA A 89 6.40 3.83 14.59
CA ALA A 89 6.69 3.97 14.58
C ALA A 89 5.20 4.72 14.30
C ALA A 89 5.43 4.78 14.18
N HIS A 90 5.25 5.95 14.80
CA HIS A 90 4.14 6.86 14.52
C HIS A 90 4.27 7.53 13.16
N LEU A 91 5.48 7.56 12.63
CA LEU A 91 5.74 8.39 11.43
C LEU A 91 4.83 8.09 10.23
N PRO A 92 4.68 6.81 9.82
CA PRO A 92 3.88 6.66 8.59
C PRO A 92 2.40 7.05 8.77
N GLY A 93 1.77 6.64 9.86
CA GLY A 93 0.37 6.98 10.08
C GLY A 93 0.15 8.48 10.26
N MET A 94 1.06 9.15 10.96
CA MET A 94 0.87 10.59 11.17
C MET A 94 1.10 11.35 9.87
N CYS A 95 2.04 10.88 9.05
CA CYS A 95 2.21 11.43 7.71
C CYS A 95 0.90 11.31 6.92
N ALA A 96 0.32 10.11 6.91
CA ALA A 96 -0.95 9.88 6.19
C ALA A 96 -2.09 10.74 6.76
N ALA A 97 -2.04 11.04 8.05
CA ALA A 97 -3.03 11.91 8.69
C ALA A 97 -3.06 13.32 8.09
N TRP A 98 -1.93 13.78 7.55
CA TRP A 98 -1.81 15.16 7.07
C TRP A 98 -1.73 15.32 5.55
N THR A 99 -1.55 14.23 4.82
CA THR A 99 -1.52 14.32 3.36
C THR A 99 -2.64 13.49 2.74
N ARG A 100 -3.10 13.90 1.55
CA ARG A 100 -4.07 13.14 0.77
C ARG A 100 -3.35 12.15 -0.14
N LEU A 101 -2.03 12.27 -0.24
CA LEU A 101 -1.23 11.39 -1.08
C LEU A 101 -1.19 9.96 -0.53
N PRO A 102 -0.98 8.98 -1.41
CA PRO A 102 -0.74 7.64 -0.86
C PRO A 102 0.53 7.61 -0.01
N VAL A 103 0.42 7.02 1.18
CA VAL A 103 1.57 6.84 2.06
C VAL A 103 1.84 5.35 2.23
N LEU A 104 3.09 4.97 1.99
CA LEU A 104 3.52 3.58 2.11
C LEU A 104 4.41 3.46 3.33
N GLY A 105 4.24 2.39 4.11
CA GLY A 105 4.88 2.31 5.41
C GLY A 105 5.81 1.12 5.48
N VAL A 106 7.01 1.34 6.03
CA VAL A 106 8.00 0.30 6.19
C VAL A 106 8.31 0.13 7.67
N PRO A 107 7.94 -1.02 8.24
CA PRO A 107 8.29 -1.23 9.64
C PRO A 107 9.78 -1.53 9.73
N VAL A 108 10.53 -0.76 10.51
CA VAL A 108 11.94 -1.02 10.69
C VAL A 108 12.15 -1.96 11.88
N GLU A 109 12.99 -2.94 11.70
CA GLU A 109 13.29 -3.91 12.71
C GLU A 109 13.98 -3.28 13.92
N SER A 110 13.32 -3.35 15.05
CA SER A 110 13.81 -2.87 16.35
C SER A 110 14.51 -3.98 17.09
N ARG A 111 15.39 -3.64 18.02
CA ARG A 111 16.12 -4.62 18.75
C ARG A 111 15.31 -5.59 19.53
N ALA A 112 14.45 -5.09 20.38
CA ALA A 112 13.69 -5.95 21.28
C ALA A 112 12.64 -6.76 20.54
N LEU A 113 11.67 -6.08 19.92
CA LEU A 113 10.50 -6.77 19.38
C LEU A 113 10.55 -7.03 17.88
N LYS A 114 11.73 -6.86 17.28
CA LYS A 114 12.00 -7.35 15.92
C LYS A 114 11.10 -6.75 14.84
N GLY A 115 10.53 -5.59 15.12
CA GLY A 115 9.72 -4.89 14.15
C GLY A 115 8.24 -5.21 14.25
N MET A 116 7.87 -6.07 15.20
CA MET A 116 6.47 -6.43 15.39
C MET A 116 5.69 -5.25 15.99
N ASP A 117 6.33 -4.50 16.89
CA ASP A 117 5.71 -3.27 17.38
C ASP A 117 5.50 -2.28 16.22
N SER A 118 6.52 -2.11 15.39
CA SER A 118 6.43 -1.20 14.25
C SER A 118 5.35 -1.64 13.27
N LEU A 119 5.32 -2.93 12.97
CA LEU A 119 4.32 -3.48 12.06
C LEU A 119 2.91 -3.14 12.53
N LEU A 120 2.62 -3.43 13.78
CA LEU A 120 1.26 -3.22 14.29
C LEU A 120 0.88 -1.74 14.33
N SER A 121 1.81 -0.88 14.73
CA SER A 121 1.52 0.55 14.82
CA SER A 121 1.47 0.54 14.81
C SER A 121 1.39 1.21 13.44
N ILE A 122 1.89 0.54 12.41
CA ILE A 122 1.75 1.06 11.05
C ILE A 122 0.51 0.46 10.36
N VAL A 123 0.34 -0.85 10.44
CA VAL A 123 -0.68 -1.49 9.60
C VAL A 123 -2.08 -1.35 10.19
N GLN A 124 -2.20 -1.20 11.51
CA GLN A 124 -3.53 -1.21 12.13
C GLN A 124 -4.20 0.16 12.17
N MET A 125 -3.91 0.99 11.16
CA MET A 125 -4.50 2.32 11.04
C MET A 125 -6.02 2.24 10.94
N PRO A 126 -6.72 3.22 11.57
CA PRO A 126 -8.19 3.26 11.56
C PRO A 126 -8.74 3.49 10.16
N GLY A 127 -10.00 3.11 9.96
CA GLY A 127 -10.66 3.37 8.71
C GLY A 127 -10.69 4.86 8.47
N GLY A 128 -10.21 5.29 7.31
CA GLY A 128 -10.21 6.70 6.99
C GLY A 128 -8.81 7.21 6.74
N VAL A 129 -7.80 6.52 7.27
CA VAL A 129 -6.42 6.99 7.20
C VAL A 129 -5.46 5.85 6.84
N PRO A 130 -5.37 5.53 5.54
CA PRO A 130 -4.60 4.38 5.05
C PRO A 130 -3.08 4.55 5.14
N VAL A 131 -2.38 3.50 5.54
CA VAL A 131 -0.98 3.34 5.19
C VAL A 131 -0.82 1.98 4.52
N GLY A 132 -0.31 1.98 3.30
CA GLY A 132 -0.03 0.73 2.61
C GLY A 132 1.25 0.16 3.18
N THR A 133 1.13 -0.93 3.94
CA THR A 133 2.26 -1.41 4.73
C THR A 133 3.00 -2.55 4.03
N LEU A 134 4.33 -2.51 4.11
CA LEU A 134 5.18 -3.52 3.46
C LEU A 134 5.85 -4.36 4.54
N ALA A 135 6.65 -5.35 4.14
CA ALA A 135 7.29 -6.24 5.10
C ALA A 135 8.21 -5.49 6.07
N ILE A 136 8.47 -6.14 7.22
CA ILE A 136 9.48 -5.65 8.15
C ILE A 136 10.86 -5.68 7.51
N GLY A 137 11.58 -4.56 7.57
CA GLY A 137 12.97 -4.54 7.18
C GLY A 137 13.29 -4.15 5.76
N ALA A 138 14.48 -4.57 5.32
CA ALA A 138 15.07 -4.15 4.05
C ALA A 138 14.20 -4.52 2.87
N SER A 139 13.61 -5.71 2.92
CA SER A 139 12.71 -6.14 1.84
C SER A 139 11.47 -5.27 1.73
N GLY A 140 10.89 -4.89 2.87
CA GLY A 140 9.79 -3.95 2.88
C GLY A 140 10.15 -2.60 2.27
N ALA A 141 11.36 -2.13 2.58
CA ALA A 141 11.84 -0.86 2.04
C ALA A 141 11.96 -0.93 0.52
N LYS A 142 12.60 -1.99 0.04
CA LYS A 142 12.69 -2.24 -1.39
C LYS A 142 11.29 -2.28 -2.01
N ASN A 143 10.37 -2.98 -1.35
CA ASN A 143 9.04 -3.15 -1.92
C ASN A 143 8.22 -1.89 -1.86
N ALA A 144 8.50 -1.04 -0.88
CA ALA A 144 7.83 0.25 -0.84
C ALA A 144 8.21 1.07 -2.08
N ALA A 145 9.49 1.04 -2.45
CA ALA A 145 9.92 1.75 -3.67
C ALA A 145 9.28 1.15 -4.93
N LEU A 146 9.21 -0.18 -4.98
CA LEU A 146 8.60 -0.87 -6.12
C LEU A 146 7.10 -0.60 -6.21
N LEU A 147 6.44 -0.54 -5.06
CA LEU A 147 5.01 -0.22 -5.03
C LEU A 147 4.77 1.23 -5.49
N ALA A 148 5.60 2.16 -5.00
CA ALA A 148 5.56 3.54 -5.46
C ALA A 148 5.76 3.59 -6.97
N ALA A 149 6.73 2.83 -7.46
CA ALA A 149 6.97 2.76 -8.90
C ALA A 149 5.75 2.26 -9.68
N SER A 150 5.07 1.24 -9.15
CA SER A 150 3.92 0.69 -9.87
CA SER A 150 3.89 0.67 -9.81
C SER A 150 2.77 1.68 -9.87
N ILE A 151 2.71 2.53 -8.85
CA ILE A 151 1.71 3.59 -8.79
C ILE A 151 2.00 4.65 -9.85
N LEU A 152 3.24 5.10 -9.90
CA LEU A 152 3.64 6.11 -10.88
C LEU A 152 3.53 5.57 -12.30
N ALA A 153 3.77 4.27 -12.46
CA ALA A 153 3.74 3.64 -13.78
C ALA A 153 2.39 3.77 -14.46
N LEU A 154 1.34 3.92 -13.66
CA LEU A 154 -0.01 4.02 -14.21
C LEU A 154 -0.18 5.23 -15.12
N TYR A 155 0.68 6.24 -14.95
CA TYR A 155 0.55 7.50 -15.68
CA TYR A 155 0.54 7.43 -15.77
C TYR A 155 1.79 7.86 -16.50
C TYR A 155 1.88 7.92 -16.29
N ASN A 156 2.78 6.96 -16.51
CA ASN A 156 4.10 7.23 -17.07
C ASN A 156 4.54 6.00 -17.85
N PRO A 157 4.24 5.97 -19.16
CA PRO A 157 4.50 4.76 -19.95
C PRO A 157 5.96 4.35 -19.95
N ALA A 158 6.88 5.31 -19.96
CA ALA A 158 8.30 4.99 -20.00
C ALA A 158 8.74 4.31 -18.71
N LEU A 159 8.24 4.80 -17.58
CA LEU A 159 8.52 4.14 -16.31
C LEU A 159 7.85 2.77 -16.24
N ALA A 160 6.63 2.68 -16.76
CA ALA A 160 5.92 1.42 -16.76
C ALA A 160 6.73 0.35 -17.49
N ALA A 161 7.39 0.73 -18.58
CA ALA A 161 8.20 -0.23 -19.34
C ALA A 161 9.47 -0.61 -18.57
N ARG A 162 10.09 0.38 -17.92
CA ARG A 162 11.26 0.13 -17.09
C ARG A 162 10.90 -0.81 -15.94
N LEU A 163 9.70 -0.62 -15.37
CA LEU A 163 9.23 -1.46 -14.28
C LEU A 163 8.97 -2.89 -14.80
N GLU A 164 8.39 -2.99 -15.98
CA GLU A 164 8.17 -4.28 -16.61
C GLU A 164 9.49 -4.99 -16.82
N THR A 165 10.48 -4.27 -17.31
CA THR A 165 11.81 -4.83 -17.46
C THR A 165 12.41 -5.31 -16.13
N TRP A 166 12.30 -4.49 -15.09
CA TRP A 166 12.78 -4.84 -13.76
C TRP A 166 12.15 -6.16 -13.29
N ARG A 167 10.83 -6.25 -13.39
CA ARG A 167 10.10 -7.43 -12.93
CA ARG A 167 10.13 -7.45 -12.92
C ARG A 167 10.47 -8.67 -13.77
N ALA A 168 10.65 -8.46 -15.08
CA ALA A 168 11.03 -9.55 -15.96
C ALA A 168 12.44 -10.05 -15.64
N LEU A 169 13.34 -9.12 -15.30
CA LEU A 169 14.70 -9.52 -14.97
C LEU A 169 14.72 -10.27 -13.64
N GLN A 170 13.90 -9.82 -12.69
CA GLN A 170 13.80 -10.53 -11.41
C GLN A 170 13.39 -11.98 -11.63
N THR A 171 12.30 -12.17 -12.38
CA THR A 171 11.78 -13.50 -12.65
C THR A 171 12.80 -14.37 -13.42
N ALA A 172 13.40 -13.80 -14.45
CA ALA A 172 14.31 -14.56 -15.31
C ALA A 172 15.61 -14.93 -14.59
N SER A 173 16.02 -14.11 -13.61
CA SER A 173 17.32 -14.27 -12.95
C SER A 173 17.36 -15.27 -11.80
N VAL A 174 16.20 -15.70 -11.32
CA VAL A 174 16.16 -16.69 -10.25
C VAL A 174 16.77 -17.99 -10.77
N PRO A 175 17.80 -18.51 -10.08
CA PRO A 175 18.46 -19.74 -10.51
C PRO A 175 17.51 -20.91 -10.50
N ASN A 176 17.83 -21.95 -11.23
CA ASN A 176 17.01 -23.14 -11.26
C ASN A 176 17.37 -24.08 -10.13
N SER A 177 18.60 -24.01 -9.65
CA SER A 177 19.02 -24.89 -8.57
C SER A 177 20.00 -24.20 -7.62
N PRO A 178 20.05 -24.68 -6.38
CA PRO A 178 20.93 -24.00 -5.41
C PRO A 178 22.40 -24.32 -5.67
N ILE A 179 23.27 -23.39 -5.32
CA ILE A 179 24.71 -23.61 -5.34
C ILE A 179 25.20 -24.05 -3.97
N THR A 180 26.16 -24.97 -3.92
CA THR A 180 26.81 -25.33 -2.67
C THR A 180 28.06 -24.49 -2.45
N SER B 21 -17.32 4.03 -17.16
CA SER B 21 -18.06 2.88 -16.65
C SER B 21 -17.23 1.59 -16.55
N ALA B 22 -16.13 1.53 -17.30
CA ALA B 22 -15.21 0.38 -17.24
C ALA B 22 -14.49 0.35 -15.89
N PRO B 23 -14.29 -0.85 -15.32
CA PRO B 23 -13.71 -0.89 -13.97
C PRO B 23 -12.24 -0.47 -13.95
N VAL B 24 -11.85 0.34 -12.97
CA VAL B 24 -10.44 0.71 -12.85
C VAL B 24 -9.85 0.11 -11.58
N VAL B 25 -10.70 -0.39 -10.70
CA VAL B 25 -10.24 -1.13 -9.53
C VAL B 25 -10.87 -2.50 -9.56
N GLY B 26 -10.09 -3.52 -9.22
CA GLY B 26 -10.67 -4.84 -9.07
C GLY B 26 -10.59 -5.25 -7.62
N ILE B 27 -11.74 -5.56 -7.02
CA ILE B 27 -11.77 -6.16 -5.69
C ILE B 27 -11.92 -7.66 -5.82
N ILE B 28 -10.93 -8.39 -5.34
CA ILE B 28 -11.01 -9.85 -5.34
C ILE B 28 -10.89 -10.36 -3.90
N MET B 29 -11.45 -11.53 -3.65
CA MET B 29 -11.48 -12.07 -2.31
C MET B 29 -11.54 -13.59 -2.39
N GLY B 30 -11.01 -14.27 -1.37
CA GLY B 30 -10.87 -15.70 -1.45
C GLY B 30 -12.17 -16.47 -1.39
N SER B 31 -13.19 -15.90 -0.77
CA SER B 31 -14.42 -16.64 -0.51
C SER B 31 -15.60 -15.74 -0.21
N GLN B 32 -16.79 -16.33 -0.26
CA GLN B 32 -18.00 -15.63 0.16
C GLN B 32 -17.85 -15.14 1.61
N SER B 33 -17.23 -15.95 2.47
CA SER B 33 -17.04 -15.60 3.88
CA SER B 33 -17.10 -15.58 3.88
C SER B 33 -16.24 -14.32 4.05
N ASP B 34 -15.42 -14.01 3.06
CA ASP B 34 -14.60 -12.80 3.09
C ASP B 34 -15.40 -11.54 2.76
N TRP B 35 -16.58 -11.73 2.18
CA TRP B 35 -17.37 -10.60 1.68
C TRP B 35 -17.85 -9.67 2.78
N GLU B 36 -18.14 -10.20 3.97
CA GLU B 36 -18.58 -9.35 5.06
C GLU B 36 -17.50 -8.30 5.37
N THR B 37 -16.25 -8.66 5.16
CA THR B 37 -15.13 -7.72 5.27
C THR B 37 -14.98 -6.86 4.01
N MET B 38 -14.95 -7.50 2.84
CA MET B 38 -14.56 -6.80 1.63
C MET B 38 -15.67 -5.90 1.07
N ARG B 39 -16.90 -6.10 1.50
CA ARG B 39 -18.02 -5.25 1.11
C ARG B 39 -17.77 -3.79 1.49
N HIS B 40 -16.98 -3.58 2.54
CA HIS B 40 -16.64 -2.22 2.99
C HIS B 40 -15.75 -1.50 1.97
N ALA B 41 -14.91 -2.26 1.27
CA ALA B 41 -14.13 -1.72 0.16
C ALA B 41 -15.04 -1.38 -1.03
N ASP B 42 -15.97 -2.28 -1.31
CA ASP B 42 -16.92 -2.06 -2.40
C ASP B 42 -17.74 -0.80 -2.16
N ALA B 43 -18.26 -0.64 -0.95
CA ALA B 43 -19.12 0.50 -0.63
C ALA B 43 -18.37 1.82 -0.75
N LEU B 44 -17.13 1.85 -0.29
CA LEU B 44 -16.36 3.09 -0.34
C LEU B 44 -16.03 3.47 -1.79
N LEU B 45 -15.63 2.51 -2.61
CA LEU B 45 -15.37 2.81 -4.02
C LEU B 45 -16.62 3.36 -4.70
N THR B 46 -17.77 2.73 -4.45
CA THR B 46 -19.03 3.20 -5.00
C THR B 46 -19.35 4.63 -4.49
N GLU B 47 -19.08 4.88 -3.22
CA GLU B 47 -19.32 6.20 -2.63
C GLU B 47 -18.50 7.29 -3.31
N LEU B 48 -17.28 6.97 -3.68
CA LEU B 48 -16.38 7.93 -4.32
C LEU B 48 -16.51 7.85 -5.84
N GLU B 49 -17.49 7.08 -6.31
CA GLU B 49 -17.80 6.97 -7.73
C GLU B 49 -16.62 6.43 -8.52
N ILE B 50 -16.00 5.40 -8.00
CA ILE B 50 -14.92 4.73 -8.70
C ILE B 50 -15.44 3.42 -9.28
N PRO B 51 -15.52 3.34 -10.63
CA PRO B 51 -15.99 2.13 -11.31
C PRO B 51 -15.10 0.95 -10.95
N HIS B 52 -15.70 -0.17 -10.55
CA HIS B 52 -14.92 -1.31 -10.11
C HIS B 52 -15.67 -2.61 -10.34
N GLU B 53 -14.94 -3.71 -10.28
CA GLU B 53 -15.52 -5.04 -10.35
C GLU B 53 -15.21 -5.78 -9.06
N THR B 54 -16.07 -6.71 -8.69
CA THR B 54 -15.93 -7.40 -7.41
C THR B 54 -16.09 -8.91 -7.65
N LEU B 55 -15.04 -9.66 -7.35
CA LEU B 55 -15.00 -11.09 -7.68
C LEU B 55 -14.50 -11.96 -6.55
N ILE B 56 -14.90 -13.24 -6.58
CA ILE B 56 -14.29 -14.23 -5.71
C ILE B 56 -13.26 -15.04 -6.50
N VAL B 57 -12.03 -15.02 -6.00
CA VAL B 57 -10.90 -15.76 -6.56
C VAL B 57 -10.05 -16.31 -5.41
N SER B 58 -9.75 -17.60 -5.39
CA SER B 58 -8.88 -18.15 -4.34
C SER B 58 -7.50 -18.54 -4.87
N ALA B 59 -6.43 -18.07 -4.24
CA ALA B 59 -5.10 -18.48 -4.67
C ALA B 59 -4.93 -19.98 -4.41
N ASN B 60 -5.40 -20.42 -3.25
CA ASN B 60 -5.14 -21.80 -2.89
C ASN B 60 -6.09 -22.78 -3.57
N ARG B 61 -7.32 -22.36 -3.84
CA ARG B 61 -8.31 -23.30 -4.35
C ARG B 61 -8.70 -23.09 -5.82
N THR B 62 -8.48 -21.89 -6.36
CA THR B 62 -8.66 -21.64 -7.79
C THR B 62 -7.42 -20.94 -8.38
N PRO B 63 -6.26 -21.59 -8.29
CA PRO B 63 -5.02 -20.92 -8.71
C PRO B 63 -5.02 -20.52 -10.19
N ASP B 64 -5.65 -21.31 -11.06
CA ASP B 64 -5.64 -21.00 -12.48
C ASP B 64 -6.58 -19.83 -12.76
N ARG B 65 -7.70 -19.77 -12.03
CA ARG B 65 -8.58 -18.61 -12.12
C ARG B 65 -7.81 -17.35 -11.73
N LEU B 66 -6.97 -17.46 -10.70
CA LEU B 66 -6.19 -16.32 -10.25
C LEU B 66 -5.15 -15.92 -11.29
N ALA B 67 -4.44 -16.91 -11.84
CA ALA B 67 -3.44 -16.61 -12.86
C ALA B 67 -4.06 -15.84 -14.00
N ASP B 68 -5.21 -16.29 -14.50
CA ASP B 68 -5.83 -15.63 -15.63
CA ASP B 68 -5.91 -15.65 -15.62
C ASP B 68 -6.28 -14.22 -15.27
N TYR B 69 -6.83 -14.05 -14.06
CA TYR B 69 -7.30 -12.74 -13.61
C TYR B 69 -6.17 -11.74 -13.55
N ALA B 70 -5.10 -12.16 -12.89
CA ALA B 70 -3.96 -11.30 -12.59
C ALA B 70 -3.12 -10.99 -13.84
N ARG B 71 -2.91 -11.99 -14.70
CA ARG B 71 -2.16 -11.75 -15.92
C ARG B 71 -2.86 -10.76 -16.83
N THR B 72 -4.19 -10.74 -16.82
CA THR B 72 -4.94 -9.92 -17.78
C THR B 72 -5.46 -8.60 -17.18
N ALA B 73 -5.25 -8.38 -15.90
CA ALA B 73 -5.80 -7.20 -15.23
C ALA B 73 -5.43 -5.90 -15.94
N ALA B 74 -4.14 -5.71 -16.21
CA ALA B 74 -3.67 -4.48 -16.84
C ALA B 74 -4.25 -4.25 -18.23
N GLU B 75 -4.24 -5.28 -19.08
CA GLU B 75 -4.76 -5.11 -20.42
C GLU B 75 -6.27 -4.92 -20.40
N ARG B 76 -6.92 -5.29 -19.30
CA ARG B 76 -8.36 -5.06 -19.17
CA ARG B 76 -8.36 -5.08 -19.16
C ARG B 76 -8.67 -3.66 -18.65
N GLY B 77 -7.64 -2.86 -18.41
CA GLY B 77 -7.81 -1.49 -17.98
C GLY B 77 -7.84 -1.27 -16.47
N LEU B 78 -7.69 -2.33 -15.69
CA LEU B 78 -7.63 -2.17 -14.25
C LEU B 78 -6.37 -1.37 -13.90
N ASN B 79 -6.47 -0.56 -12.84
CA ASN B 79 -5.34 0.25 -12.36
C ASN B 79 -4.83 -0.20 -11.01
N VAL B 80 -5.74 -0.64 -10.14
CA VAL B 80 -5.39 -1.07 -8.79
C VAL B 80 -6.14 -2.34 -8.45
N ILE B 81 -5.48 -3.29 -7.79
CA ILE B 81 -6.19 -4.45 -7.32
CA ILE B 81 -6.14 -4.48 -7.32
C ILE B 81 -6.24 -4.47 -5.80
N ILE B 82 -7.45 -4.66 -5.27
CA ILE B 82 -7.63 -4.84 -3.83
C ILE B 82 -7.95 -6.30 -3.60
N ALA B 83 -7.08 -7.00 -2.86
CA ALA B 83 -7.26 -8.43 -2.60
C ALA B 83 -7.42 -8.77 -1.11
N GLY B 84 -8.50 -9.45 -0.78
CA GLY B 84 -8.77 -9.79 0.61
C GLY B 84 -8.73 -11.29 0.82
N ALA B 85 -8.07 -11.74 1.89
CA ALA B 85 -7.89 -13.16 2.14
C ALA B 85 -7.58 -13.40 3.61
N GLY B 86 -7.98 -14.56 4.12
CA GLY B 86 -7.74 -14.90 5.51
C GLY B 86 -6.99 -16.22 5.64
N GLY B 87 -6.40 -16.46 6.80
CA GLY B 87 -5.69 -17.71 7.05
C GLY B 87 -4.30 -17.68 6.45
N ALA B 88 -3.95 -18.75 5.73
CA ALA B 88 -2.73 -18.79 4.94
C ALA B 88 -3.01 -17.99 3.69
N ALA B 89 -3.06 -16.68 3.85
CA ALA B 89 -3.59 -15.79 2.85
C ALA B 89 -2.58 -15.53 1.72
N HIS B 90 -2.79 -16.18 0.56
CA HIS B 90 -1.85 -16.11 -0.55
C HIS B 90 -2.38 -15.33 -1.76
N LEU B 91 -3.67 -14.99 -1.74
CA LEU B 91 -4.29 -14.30 -2.87
C LEU B 91 -3.64 -12.96 -3.23
N PRO B 92 -3.41 -12.08 -2.25
CA PRO B 92 -2.80 -10.82 -2.68
C PRO B 92 -1.40 -10.99 -3.26
N GLY B 93 -0.57 -11.78 -2.59
CA GLY B 93 0.81 -11.98 -3.00
C GLY B 93 0.93 -12.66 -4.35
N MET B 94 0.06 -13.63 -4.62
CA MET B 94 0.10 -14.33 -5.91
C MET B 94 -0.49 -13.46 -7.02
N CYS B 95 -1.46 -12.64 -6.67
CA CYS B 95 -1.94 -11.64 -7.63
C CYS B 95 -0.77 -10.74 -8.03
N ALA B 96 -0.03 -10.24 -7.03
CA ALA B 96 1.11 -9.38 -7.31
C ALA B 96 2.19 -10.07 -8.15
N ALA B 97 2.31 -11.38 -7.98
CA ALA B 97 3.26 -12.19 -8.74
C ALA B 97 3.01 -12.10 -10.24
N TRP B 98 1.76 -11.93 -10.63
CA TRP B 98 1.38 -12.00 -12.04
C TRP B 98 1.00 -10.65 -12.66
N THR B 99 0.88 -9.60 -11.85
CA THR B 99 0.57 -8.28 -12.42
C THR B 99 1.62 -7.26 -12.02
N ARG B 100 1.79 -6.26 -12.88
CA ARG B 100 2.70 -5.15 -12.57
C ARG B 100 1.93 -4.07 -11.82
N LEU B 101 0.60 -4.20 -11.76
CA LEU B 101 -0.25 -3.20 -11.11
C LEU B 101 -0.07 -3.19 -9.59
N PRO B 102 -0.32 -2.03 -8.95
CA PRO B 102 -0.27 -2.03 -7.48
C PRO B 102 -1.32 -2.96 -6.90
N VAL B 103 -0.90 -3.83 -6.00
CA VAL B 103 -1.84 -4.70 -5.31
C VAL B 103 -1.88 -4.31 -3.84
N LEU B 104 -3.09 -4.06 -3.36
CA LEU B 104 -3.33 -3.77 -1.95
C LEU B 104 -3.96 -4.99 -1.28
N GLY B 105 -3.48 -5.34 -0.08
CA GLY B 105 -3.94 -6.56 0.55
C GLY B 105 -4.67 -6.32 1.85
N VAL B 106 -5.81 -7.00 2.02
CA VAL B 106 -6.59 -6.89 3.23
C VAL B 106 -6.61 -8.23 3.97
N PRO B 107 -5.99 -8.30 5.16
CA PRO B 107 -6.04 -9.49 6.00
C PRO B 107 -7.46 -9.68 6.54
N VAL B 108 -8.12 -10.78 6.17
CA VAL B 108 -9.43 -11.08 6.73
C VAL B 108 -9.24 -11.75 8.07
N GLU B 109 -10.00 -11.32 9.08
CA GLU B 109 -9.84 -11.87 10.42
C GLU B 109 -10.14 -13.37 10.43
N SER B 110 -9.28 -14.14 11.09
CA SER B 110 -9.47 -15.58 11.21
C SER B 110 -10.00 -15.94 12.61
N ARG B 111 -10.65 -17.09 12.71
CA ARG B 111 -11.28 -17.52 13.95
C ARG B 111 -10.28 -17.69 15.11
N ALA B 112 -9.38 -18.66 14.97
CA ALA B 112 -8.45 -19.00 16.03
C ALA B 112 -7.45 -17.87 16.26
N LEU B 113 -6.76 -17.46 15.21
CA LEU B 113 -5.59 -16.59 15.34
C LEU B 113 -5.90 -15.12 15.06
N LYS B 114 -7.19 -14.78 15.02
CA LYS B 114 -7.65 -13.39 14.98
C LYS B 114 -7.06 -12.57 13.86
N GLY B 115 -6.70 -13.22 12.75
CA GLY B 115 -6.17 -12.51 11.61
C GLY B 115 -4.65 -12.31 11.61
N MET B 116 -3.97 -12.82 12.63
CA MET B 116 -2.51 -12.70 12.65
CA MET B 116 -2.51 -12.71 12.66
C MET B 116 -1.87 -13.60 11.59
N ASP B 117 -2.48 -14.76 11.33
CA ASP B 117 -1.99 -15.60 10.23
C ASP B 117 -2.24 -14.87 8.90
N SER B 118 -3.43 -14.32 8.74
CA SER B 118 -3.77 -13.52 7.56
C SER B 118 -2.76 -12.39 7.32
N LEU B 119 -2.46 -11.64 8.37
CA LEU B 119 -1.57 -10.47 8.29
C LEU B 119 -0.16 -10.86 7.84
N LEU B 120 0.45 -11.80 8.53
CA LEU B 120 1.83 -12.17 8.25
C LEU B 120 1.93 -12.81 6.87
N SER B 121 0.93 -13.58 6.48
CA SER B 121 0.92 -14.23 5.16
C SER B 121 0.86 -13.21 4.02
N ILE B 122 0.28 -12.05 4.32
CA ILE B 122 0.11 -11.00 3.30
C ILE B 122 1.24 -9.98 3.32
N VAL B 123 1.59 -9.47 4.50
CA VAL B 123 2.51 -8.34 4.56
C VAL B 123 3.98 -8.75 4.34
N GLN B 124 4.34 -9.99 4.69
CA GLN B 124 5.75 -10.37 4.72
C GLN B 124 6.26 -10.85 3.35
N MET B 125 5.88 -10.12 2.30
CA MET B 125 6.28 -10.45 0.94
C MET B 125 7.80 -10.28 0.72
N PRO B 126 8.39 -11.16 -0.12
CA PRO B 126 9.82 -11.08 -0.40
C PRO B 126 10.12 -9.82 -1.18
N GLY B 127 11.36 -9.33 -1.09
CA GLY B 127 11.72 -8.14 -1.84
C GLY B 127 11.55 -8.42 -3.33
N GLY B 128 10.83 -7.54 -4.02
CA GLY B 128 10.63 -7.70 -5.44
C GLY B 128 9.19 -7.91 -5.83
N VAL B 129 8.36 -8.26 -4.85
CA VAL B 129 6.94 -8.49 -5.10
C VAL B 129 6.10 -7.83 -4.01
N PRO B 130 5.78 -6.53 -4.18
CA PRO B 130 5.06 -5.79 -3.14
C PRO B 130 3.60 -6.14 -3.02
N VAL B 131 3.11 -6.15 -1.79
CA VAL B 131 1.69 -5.98 -1.53
C VAL B 131 1.57 -4.91 -0.45
N GLY B 132 0.86 -3.83 -0.78
CA GLY B 132 0.54 -2.79 0.19
C GLY B 132 -0.57 -3.26 1.10
N THR B 133 -0.23 -3.53 2.36
CA THR B 133 -1.12 -4.22 3.29
C THR B 133 -1.84 -3.25 4.25
N LEU B 134 -3.11 -3.51 4.51
CA LEU B 134 -3.93 -2.64 5.36
C LEU B 134 -4.35 -3.39 6.63
N ALA B 135 -5.03 -2.72 7.55
CA ALA B 135 -5.42 -3.31 8.82
C ALA B 135 -6.25 -4.60 8.69
N ILE B 136 -6.17 -5.46 9.71
CA ILE B 136 -7.02 -6.64 9.80
C ILE B 136 -8.50 -6.22 9.81
N GLY B 137 -9.30 -6.82 8.94
CA GLY B 137 -10.74 -6.63 9.03
C GLY B 137 -11.30 -5.47 8.23
N ALA B 138 -12.50 -5.06 8.61
CA ALA B 138 -13.30 -4.06 7.90
C ALA B 138 -12.59 -2.72 7.70
N SER B 139 -11.87 -2.28 8.73
CA SER B 139 -11.09 -1.05 8.64
C SER B 139 -10.10 -1.14 7.50
N GLY B 140 -9.46 -2.31 7.37
CA GLY B 140 -8.47 -2.52 6.34
C GLY B 140 -9.10 -2.47 4.97
N ALA B 141 -10.29 -3.06 4.84
CA ALA B 141 -11.01 -3.04 3.58
C ALA B 141 -11.34 -1.61 3.18
N LYS B 142 -11.87 -0.85 4.12
CA LYS B 142 -12.19 0.56 3.88
C LYS B 142 -10.93 1.32 3.44
N ASN B 143 -9.84 1.09 4.14
CA ASN B 143 -8.59 1.78 3.84
C ASN B 143 -7.96 1.35 2.52
N ALA B 144 -8.18 0.11 2.11
CA ALA B 144 -7.63 -0.34 0.84
C ALA B 144 -8.34 0.41 -0.30
N ALA B 145 -9.64 0.62 -0.14
CA ALA B 145 -10.42 1.40 -1.11
C ALA B 145 -9.98 2.87 -1.11
N LEU B 146 -9.72 3.42 0.07
CA LEU B 146 -9.29 4.81 0.17
C LEU B 146 -7.90 4.99 -0.42
N LEU B 147 -7.05 3.99 -0.19
CA LEU B 147 -5.68 4.02 -0.71
C LEU B 147 -5.72 3.93 -2.25
N ALA B 148 -6.53 3.02 -2.77
CA ALA B 148 -6.76 2.94 -4.22
C ALA B 148 -7.27 4.29 -4.75
N ALA B 149 -8.21 4.91 -4.03
CA ALA B 149 -8.74 6.21 -4.45
C ALA B 149 -7.63 7.25 -4.54
N SER B 150 -6.77 7.31 -3.53
CA SER B 150 -5.70 8.30 -3.50
CA SER B 150 -5.67 8.27 -3.48
C SER B 150 -4.69 8.04 -4.62
N ILE B 151 -4.53 6.77 -5.00
CA ILE B 151 -3.68 6.44 -6.13
C ILE B 151 -4.33 6.96 -7.42
N LEU B 152 -5.59 6.63 -7.61
CA LEU B 152 -6.31 7.07 -8.80
C LEU B 152 -6.45 8.59 -8.85
N ALA B 153 -6.51 9.23 -7.68
CA ALA B 153 -6.66 10.69 -7.61
C ALA B 153 -5.44 11.42 -8.16
N LEU B 154 -4.30 10.76 -8.18
CA LEU B 154 -3.07 11.40 -8.68
C LEU B 154 -3.26 11.92 -10.10
N TYR B 155 -4.08 11.23 -10.88
CA TYR B 155 -4.29 11.55 -12.30
CA TYR B 155 -4.30 11.58 -12.27
C TYR B 155 -5.74 11.99 -12.62
C TYR B 155 -5.80 11.62 -12.57
N ASN B 156 -6.58 12.05 -11.59
CA ASN B 156 -8.01 12.29 -11.77
C ASN B 156 -8.46 13.43 -10.85
N PRO B 157 -8.46 14.67 -11.36
CA PRO B 157 -8.78 15.85 -10.56
C PRO B 157 -10.16 15.78 -9.91
N ALA B 158 -11.18 15.33 -10.64
CA ALA B 158 -12.53 15.27 -10.09
C ALA B 158 -12.59 14.30 -8.90
N LEU B 159 -11.94 13.15 -9.03
CA LEU B 159 -11.87 12.18 -7.95
C LEU B 159 -11.07 12.75 -6.79
N ALA B 160 -9.98 13.44 -7.12
CA ALA B 160 -9.17 14.07 -6.08
C ALA B 160 -10.01 15.04 -5.25
N ALA B 161 -10.85 15.83 -5.92
CA ALA B 161 -11.74 16.75 -5.22
C ALA B 161 -12.74 15.99 -4.34
N ARG B 162 -13.30 14.90 -4.88
CA ARG B 162 -14.22 14.07 -4.12
C ARG B 162 -13.54 13.47 -2.89
N LEU B 163 -12.29 13.05 -3.06
CA LEU B 163 -11.54 12.44 -1.99
C LEU B 163 -11.21 13.47 -0.90
N GLU B 164 -10.80 14.66 -1.31
N GLU B 164 -10.78 14.66 -1.31
CA GLU B 164 -10.49 15.74 -0.36
CA GLU B 164 -10.51 15.74 -0.34
C GLU B 164 -11.72 16.10 0.48
C GLU B 164 -11.74 16.03 0.49
N THR B 165 -12.87 16.18 -0.18
CA THR B 165 -14.14 16.46 0.49
C THR B 165 -14.47 15.36 1.51
N TRP B 166 -14.28 14.12 1.10
CA TRP B 166 -14.54 12.96 1.97
C TRP B 166 -13.66 12.99 3.21
N ARG B 167 -12.34 13.17 3.02
CA ARG B 167 -11.41 13.22 4.15
C ARG B 167 -11.76 14.39 5.10
N ALA B 168 -12.04 15.56 4.54
CA ALA B 168 -12.33 16.74 5.32
C ALA B 168 -13.59 16.55 6.17
N LEU B 169 -14.59 15.91 5.56
CA LEU B 169 -15.84 15.61 6.24
C LEU B 169 -15.60 14.65 7.39
N GLN B 170 -14.80 13.61 7.16
CA GLN B 170 -14.46 12.68 8.23
C GLN B 170 -13.87 13.44 9.42
N THR B 171 -12.86 14.27 9.15
CA THR B 171 -12.19 15.06 10.18
C THR B 171 -13.15 16.02 10.91
N ALA B 172 -14.02 16.69 10.17
CA ALA B 172 -14.94 17.64 10.77
C ALA B 172 -16.00 16.95 11.60
N SER B 173 -16.26 15.68 11.32
CA SER B 173 -17.37 14.95 11.95
C SER B 173 -16.98 14.21 13.23
N VAL B 174 -15.71 14.24 13.58
CA VAL B 174 -15.26 13.67 14.85
C VAL B 174 -15.79 14.54 16.00
N PRO B 175 -16.54 13.94 16.93
CA PRO B 175 -17.14 14.68 18.05
C PRO B 175 -16.06 15.24 18.97
N ASN B 176 -16.41 16.26 19.73
CA ASN B 176 -15.44 16.92 20.59
C ASN B 176 -15.44 16.43 22.03
N SER B 177 -16.54 15.85 22.47
CA SER B 177 -16.63 15.35 23.84
C SER B 177 -17.51 14.10 23.91
N PRO B 178 -17.21 13.19 24.85
CA PRO B 178 -17.90 11.90 24.89
C PRO B 178 -19.33 12.00 25.43
N ILE B 179 -20.17 11.06 25.00
CA ILE B 179 -21.54 10.93 25.47
C ILE B 179 -21.65 9.81 26.50
N THR B 180 -22.33 10.07 27.61
CA THR B 180 -22.50 9.03 28.63
C THR B 180 -23.87 8.35 28.53
N1 AIR C . 11.63 6.80 15.83
C2 AIR C . 12.03 8.02 15.39
N3 AIR C . 11.07 8.92 15.62
C4 AIR C . 10.00 8.20 16.19
C5 AIR C . 10.37 6.89 16.26
N6 AIR C . 9.64 5.86 16.74
C1' AIR C . 12.28 5.53 15.71
C2' AIR C . 13.17 5.41 14.48
C3' AIR C . 14.09 4.23 14.92
C4' AIR C . 13.99 4.19 16.49
O4' AIR C . 13.10 5.28 16.83
O2' AIR C . 12.31 5.18 13.37
O3' AIR C . 13.71 2.97 14.39
C5' AIR C . 15.29 4.46 17.21
O5' AIR C . 15.74 5.70 16.75
P AIR C . 17.00 6.29 17.48
O6 AIR C . 17.21 7.73 16.98
O7 AIR C . 18.17 5.36 17.12
O8 AIR C . 16.75 6.31 18.96
C CO2 D . 8.18 8.17 14.37
O1 CO2 D . 7.60 7.23 14.39
O2 CO2 D . 8.76 9.11 14.38
C1 CIT E . -10.21 -17.19 2.10
O1 CIT E . -11.39 -17.43 2.08
O2 CIT E . -9.74 -15.99 2.16
C2 CIT E . -9.22 -18.27 2.05
C3 CIT E . -8.39 -18.34 0.77
O7 CIT E . -9.24 -18.09 -0.30
C4 CIT E . -7.27 -17.29 0.81
C5 CIT E . -6.52 -17.15 -0.49
O3 CIT E . -7.06 -17.41 -1.53
O4 CIT E . -5.31 -16.71 -0.41
C6 CIT E . -7.81 -19.74 0.62
O5 CIT E . -8.15 -20.49 -0.27
O6 CIT E . -6.97 -20.05 1.55
C1 EDO F . 4.74 -13.70 16.98
O1 EDO F . 5.89 -13.11 16.34
C2 EDO F . 3.54 -13.71 16.03
O2 EDO F . 2.41 -14.36 16.65
#